data_3GF8
#
_entry.id   3GF8
#
_cell.length_a   106.894
_cell.length_b   106.894
_cell.length_c   79.144
_cell.angle_alpha   90.000
_cell.angle_beta   90.000
_cell.angle_gamma   90.000
#
_symmetry.space_group_name_H-M   'P 41 21 2'
#
loop_
_entity.id
_entity.type
_entity.pdbx_description
1 polymer 'putative polysaccharide binding proteins (DUF1812)'
2 non-polymer 1,2-ETHANEDIOL
3 water water
#
_entity_poly.entity_id   1
_entity_poly.type   'polypeptide(L)'
_entity_poly.pdbx_seq_one_letter_code
;GASCDSFNEDLPECRLSVKFKYDYN(MSE)EFADAFHAQVDKVELYVFDKNGKYLFKQAEEGSALSTGNYL(MSE)EVEL
PVGQYQF(MSE)AWAGARDSYDITSLTPGVSTLTDLKLKLKREASLIINKR(MSE)ETLWYGEVINVNFDGTVHQTETIN
LIRDTKIVRFGFQSYTGSWTLD(MSE)NDYDYEIIESNGHLGHDNSLLDDDVLSFRPYY(MSE)EQKDPATAYVD(MSE)
NT(MSE)RL(MSE)EDRKTRLVLTEKASGKRVFDINLIDYLA(MSE)TNAEGKNLSTQEYLDRQSNYHIIFFLSESWLAV
QIVVNGWVHRIQEENQ
;
_entity_poly.pdbx_strand_id   A
#
loop_
_chem_comp.id
_chem_comp.type
_chem_comp.name
_chem_comp.formula
EDO non-polymer 1,2-ETHANEDIOL 'C2 H6 O2'
#
# COMPACT_ATOMS: atom_id res chain seq x y z
N GLU A 13 22.88 16.66 -27.37
CA GLU A 13 23.21 17.73 -26.38
C GLU A 13 22.02 18.09 -25.47
N CYS A 14 20.81 17.72 -25.89
CA CYS A 14 19.62 17.94 -25.05
C CYS A 14 19.50 16.86 -24.00
N ARG A 15 18.68 17.12 -23.00
CA ARG A 15 18.65 16.24 -21.87
C ARG A 15 17.19 15.84 -21.59
N LEU A 16 17.04 14.58 -21.17
CA LEU A 16 15.76 13.97 -20.85
C LEU A 16 15.71 13.89 -19.35
N SER A 17 14.68 14.49 -18.75
CA SER A 17 14.50 14.49 -17.28
C SER A 17 13.22 13.80 -16.88
N VAL A 18 13.17 13.29 -15.66
CA VAL A 18 11.97 12.63 -15.15
C VAL A 18 11.53 13.35 -13.91
N LYS A 19 10.26 13.73 -13.88
CA LYS A 19 9.63 14.31 -12.72
C LYS A 19 8.78 13.19 -12.11
N PHE A 20 8.88 13.00 -10.80
CA PHE A 20 8.00 12.06 -10.10
C PHE A 20 6.94 12.82 -9.34
N LYS A 21 5.69 12.38 -9.42
CA LYS A 21 4.66 13.03 -8.58
C LYS A 21 3.90 12.02 -7.77
N TYR A 22 3.41 12.45 -6.60
CA TYR A 22 2.56 11.68 -5.74
C TYR A 22 1.38 12.52 -5.31
N ASP A 23 0.41 12.65 -6.23
CA ASP A 23 -0.81 13.38 -5.95
C ASP A 23 -2.02 12.48 -5.92
N TYR A 24 -1.82 11.20 -6.21
CA TYR A 24 -2.93 10.22 -6.11
C TYR A 24 -3.21 9.81 -4.63
N ASN A 25 -3.76 10.76 -3.86
CA ASN A 25 -4.00 10.59 -2.44
C ASN A 25 -5.28 11.31 -2.07
N MSE A 26 -5.71 11.24 -0.79
CA MSE A 26 -6.96 11.87 -0.41
C MSE A 26 -6.86 13.38 -0.32
O MSE A 26 -7.87 14.06 -0.23
CB MSE A 26 -7.53 11.30 0.88
CG MSE A 26 -7.86 9.83 0.77
SE MSE A 26 -9.33 9.52 -0.41
CE MSE A 26 -10.71 9.97 0.91
N GLU A 27 -5.66 13.94 -0.40
CA GLU A 27 -5.52 15.39 -0.43
C GLU A 27 -5.51 15.87 -1.88
N PHE A 28 -5.62 14.97 -2.85
CA PHE A 28 -5.61 15.39 -4.26
C PHE A 28 -4.52 16.42 -4.54
N ALA A 29 -3.35 16.27 -3.91
CA ALA A 29 -2.26 17.22 -4.07
C ALA A 29 -0.92 16.49 -4.01
N ASP A 30 0.10 17.03 -4.66
CA ASP A 30 1.34 16.33 -4.82
C ASP A 30 2.13 16.33 -3.53
N ALA A 31 2.44 15.15 -2.96
CA ALA A 31 3.21 15.06 -1.70
C ALA A 31 4.58 14.41 -1.89
N PHE A 32 5.04 14.32 -3.13
CA PHE A 32 6.32 13.67 -3.42
C PHE A 32 7.44 14.15 -2.50
N HIS A 33 7.79 15.42 -2.61
CA HIS A 33 8.94 15.98 -1.89
C HIS A 33 8.81 15.77 -0.38
N ALA A 34 7.58 15.75 0.15
CA ALA A 34 7.34 15.55 1.58
C ALA A 34 7.52 14.10 2.08
N GLN A 35 7.23 13.11 1.23
CA GLN A 35 7.11 11.71 1.65
C GLN A 35 8.04 10.68 0.99
N VAL A 36 8.49 10.93 -0.24
CA VAL A 36 9.20 9.91 -0.97
C VAL A 36 10.67 10.21 -0.91
N ASP A 37 11.44 9.33 -0.28
CA ASP A 37 12.89 9.53 -0.20
C ASP A 37 13.73 8.57 -1.04
N LYS A 38 13.12 7.79 -1.93
CA LYS A 38 13.91 7.01 -2.89
C LYS A 38 13.05 6.66 -4.07
N VAL A 39 13.61 6.86 -5.26
CA VAL A 39 12.95 6.46 -6.50
C VAL A 39 13.93 5.57 -7.24
N GLU A 40 13.41 4.55 -7.93
CA GLU A 40 14.23 3.74 -8.78
C GLU A 40 13.50 3.56 -10.10
N LEU A 41 14.05 4.19 -11.14
CA LEU A 41 13.46 4.22 -12.48
C LEU A 41 13.97 3.01 -13.27
N TYR A 42 13.05 2.28 -13.89
CA TYR A 42 13.39 1.17 -14.76
C TYR A 42 13.15 1.62 -16.21
N VAL A 43 14.13 1.40 -17.10
CA VAL A 43 14.04 1.81 -18.51
C VAL A 43 14.13 0.61 -19.44
N PHE A 44 13.15 0.50 -20.32
CA PHE A 44 13.04 -0.58 -21.26
C PHE A 44 12.99 0.05 -22.66
N ASP A 45 13.39 -0.70 -23.68
CA ASP A 45 13.47 -0.17 -25.04
C ASP A 45 12.20 -0.38 -25.87
N LYS A 46 12.32 -0.07 -27.16
CA LYS A 46 11.24 -0.25 -28.14
C LYS A 46 10.65 -1.65 -28.01
N ASN A 47 11.55 -2.64 -28.04
CA ASN A 47 11.20 -4.04 -27.92
C ASN A 47 10.72 -4.52 -26.54
N GLY A 48 10.72 -3.67 -25.52
CA GLY A 48 10.35 -4.09 -24.16
C GLY A 48 11.47 -4.77 -23.36
N LYS A 49 12.67 -4.77 -23.92
CA LYS A 49 13.87 -5.30 -23.26
C LYS A 49 14.47 -4.25 -22.31
N TYR A 50 14.86 -4.73 -21.16
CA TYR A 50 15.46 -3.93 -20.13
C TYR A 50 16.74 -3.30 -20.59
N LEU A 51 16.91 -2.03 -20.26
CA LEU A 51 18.14 -1.30 -20.56
C LEU A 51 18.92 -1.04 -19.28
N PHE A 52 18.26 -0.47 -18.28
CA PHE A 52 18.91 -0.18 -17.00
C PHE A 52 17.93 0.32 -15.99
N LYS A 53 18.39 0.39 -14.74
CA LYS A 53 17.62 1.09 -13.72
C LYS A 53 18.48 2.20 -13.18
N GLN A 54 17.84 3.17 -12.51
CA GLN A 54 18.55 4.31 -11.95
C GLN A 54 17.85 4.71 -10.66
N ALA A 55 18.65 4.78 -9.59
CA ALA A 55 18.18 4.98 -8.23
C ALA A 55 18.73 6.29 -7.71
N GLU A 56 17.88 7.06 -7.05
CA GLU A 56 18.36 8.22 -6.34
C GLU A 56 17.50 8.29 -5.10
N GLU A 57 18.08 8.84 -4.05
CA GLU A 57 17.47 8.89 -2.75
C GLU A 57 18.14 9.97 -1.93
N GLY A 58 17.48 10.40 -0.86
CA GLY A 58 18.02 11.46 0.00
C GLY A 58 17.46 12.85 -0.26
N SER A 59 18.26 13.84 0.13
CA SER A 59 17.80 15.21 0.27
C SER A 59 17.37 15.79 -1.08
N ALA A 60 18.02 15.33 -2.15
CA ALA A 60 17.75 15.88 -3.45
C ALA A 60 16.26 15.86 -3.74
N LEU A 61 15.58 14.78 -3.32
CA LEU A 61 14.19 14.53 -3.67
C LEU A 61 13.21 15.46 -2.95
N SER A 62 13.70 16.10 -1.89
CA SER A 62 12.84 16.85 -0.98
C SER A 62 12.72 18.30 -1.36
N THR A 63 13.52 18.75 -2.34
CA THR A 63 13.60 20.18 -2.62
C THR A 63 12.29 20.80 -3.06
N GLY A 64 11.43 20.01 -3.70
CA GLY A 64 10.20 20.53 -4.31
C GLY A 64 10.44 20.68 -5.81
N ASN A 65 11.68 20.59 -6.23
CA ASN A 65 12.06 20.75 -7.62
C ASN A 65 12.87 19.58 -8.14
N TYR A 66 12.83 18.44 -7.46
CA TYR A 66 13.63 17.30 -7.89
C TYR A 66 13.31 16.83 -9.31
N LEU A 67 14.33 16.69 -10.14
CA LEU A 67 14.17 16.03 -11.44
C LEU A 67 15.32 15.05 -11.60
N MSE A 68 15.04 13.88 -12.14
CA MSE A 68 16.09 12.91 -12.40
C MSE A 68 16.62 13.10 -13.82
O MSE A 68 15.87 13.11 -14.79
CB MSE A 68 15.56 11.49 -12.26
CG MSE A 68 16.58 10.42 -12.60
SE MSE A 68 15.94 8.60 -12.32
CE MSE A 68 16.28 8.51 -10.41
N GLU A 69 17.93 13.26 -13.93
CA GLU A 69 18.59 13.39 -15.22
C GLU A 69 18.91 12.00 -15.78
N VAL A 70 18.32 11.64 -16.91
CA VAL A 70 18.48 10.30 -17.47
C VAL A 70 19.26 10.36 -18.81
N GLU A 71 20.50 9.84 -18.85
CA GLU A 71 21.29 9.77 -20.10
CA GLU A 71 21.28 9.78 -20.11
C GLU A 71 20.75 8.66 -20.98
N LEU A 72 20.22 9.02 -22.14
CA LEU A 72 19.52 8.08 -22.99
C LEU A 72 19.77 8.47 -24.43
N PRO A 73 19.96 7.47 -25.28
CA PRO A 73 20.08 7.83 -26.70
C PRO A 73 18.74 8.24 -27.26
N VAL A 74 18.73 8.89 -28.40
CA VAL A 74 17.50 9.11 -29.10
C VAL A 74 16.81 7.76 -29.20
N GLY A 75 15.50 7.73 -29.02
CA GLY A 75 14.73 6.52 -29.26
C GLY A 75 13.42 6.46 -28.52
N GLN A 76 12.76 5.31 -28.61
CA GLN A 76 11.52 5.07 -27.87
C GLN A 76 11.71 4.06 -26.74
N TYR A 77 11.08 4.34 -25.61
CA TYR A 77 11.31 3.58 -24.38
C TYR A 77 10.01 3.46 -23.59
N GLN A 78 9.97 2.51 -22.67
CA GLN A 78 9.00 2.57 -21.59
C GLN A 78 9.71 2.75 -20.27
N PHE A 79 9.16 3.62 -19.42
CA PHE A 79 9.69 3.82 -18.08
C PHE A 79 8.63 3.42 -17.10
N MSE A 80 9.09 2.92 -15.95
CA MSE A 80 8.26 2.74 -14.79
CA MSE A 80 8.25 2.73 -14.78
C MSE A 80 9.17 2.90 -13.58
O MSE A 80 10.36 3.06 -13.75
CB MSE A 80 7.45 1.41 -14.82
CB MSE A 80 7.56 1.35 -14.78
CG MSE A 80 8.21 0.11 -14.94
CG MSE A 80 8.50 0.14 -14.78
SE MSE A 80 8.97 -0.48 -13.29
SE MSE A 80 7.54 -1.53 -14.45
CE MSE A 80 7.35 -0.71 -12.17
CE MSE A 80 7.39 -1.45 -12.50
N ALA A 81 8.61 2.90 -12.37
CA ALA A 81 9.46 3.00 -11.20
C ALA A 81 8.88 2.28 -9.99
N TRP A 82 9.76 1.97 -9.03
CA TRP A 82 9.38 1.63 -7.66
C TRP A 82 10.06 2.66 -6.79
N ALA A 83 9.31 3.20 -5.83
CA ALA A 83 9.80 4.25 -4.98
C ALA A 83 9.63 3.78 -3.53
N GLY A 84 10.60 4.17 -2.70
CA GLY A 84 10.64 3.73 -1.32
C GLY A 84 11.17 2.32 -1.03
N ALA A 85 11.48 1.50 -2.05
CA ALA A 85 11.81 0.08 -1.80
C ALA A 85 13.20 -0.04 -1.20
N ARG A 86 13.27 -0.58 0.00
CA ARG A 86 14.54 -0.81 0.68
C ARG A 86 14.56 -2.24 1.21
N ASP A 87 14.86 -2.45 2.48
CA ASP A 87 15.08 -3.80 2.98
C ASP A 87 13.90 -4.72 3.07
N SER A 88 12.68 -4.22 3.01
CA SER A 88 11.53 -5.10 3.14
C SER A 88 11.23 -5.91 1.91
N TYR A 89 11.79 -5.49 0.78
CA TYR A 89 11.35 -6.03 -0.48
C TYR A 89 12.52 -6.58 -1.27
N ASP A 90 12.30 -7.69 -1.96
CA ASP A 90 13.19 -8.14 -3.05
C ASP A 90 12.57 -7.79 -4.36
N ILE A 91 13.31 -7.07 -5.18
CA ILE A 91 12.90 -6.77 -6.54
C ILE A 91 13.81 -7.61 -7.42
N THR A 92 13.26 -8.37 -8.34
CA THR A 92 14.08 -9.21 -9.23
C THR A 92 15.14 -8.37 -9.94
N SER A 93 16.31 -8.95 -10.17
CA SER A 93 17.37 -8.32 -10.96
C SER A 93 17.35 -8.76 -12.37
N LEU A 94 17.35 -7.77 -13.24
CA LEU A 94 17.13 -7.97 -14.66
C LEU A 94 18.46 -7.92 -15.41
N THR A 95 18.49 -8.51 -16.57
CA THR A 95 19.71 -8.48 -17.39
C THR A 95 19.48 -7.59 -18.61
N PRO A 96 20.32 -6.55 -18.77
CA PRO A 96 20.22 -5.67 -19.94
C PRO A 96 20.22 -6.46 -21.26
N GLY A 97 19.23 -6.18 -22.11
CA GLY A 97 19.16 -6.76 -23.44
C GLY A 97 18.56 -8.14 -23.47
N VAL A 98 18.22 -8.68 -22.29
CA VAL A 98 17.72 -10.05 -22.17
C VAL A 98 16.35 -10.01 -21.48
N SER A 99 16.27 -9.40 -20.30
CA SER A 99 15.01 -9.36 -19.55
C SER A 99 13.97 -8.40 -20.14
N THR A 100 12.69 -8.63 -19.81
CA THR A 100 11.60 -7.74 -20.20
C THR A 100 10.76 -7.40 -18.98
N LEU A 101 9.78 -6.49 -19.14
CA LEU A 101 8.92 -6.01 -18.05
C LEU A 101 8.32 -7.13 -17.21
N THR A 102 7.83 -8.19 -17.85
CA THR A 102 7.13 -9.22 -17.10
C THR A 102 8.09 -9.95 -16.16
N ASP A 103 9.41 -9.83 -16.37
CA ASP A 103 10.39 -10.39 -15.43
C ASP A 103 10.53 -9.63 -14.11
N LEU A 104 10.05 -8.38 -14.10
CA LEU A 104 10.23 -7.48 -12.96
C LEU A 104 9.12 -7.74 -11.94
N LYS A 105 9.52 -8.16 -10.73
CA LYS A 105 8.54 -8.49 -9.71
C LYS A 105 9.11 -8.02 -8.38
N LEU A 106 8.23 -7.63 -7.48
CA LEU A 106 8.61 -7.15 -6.17
C LEU A 106 7.92 -8.09 -5.20
N LYS A 107 8.68 -8.61 -4.25
CA LYS A 107 8.10 -9.53 -3.27
C LYS A 107 8.43 -9.04 -1.86
N LEU A 108 7.39 -8.90 -1.03
CA LEU A 108 7.61 -8.61 0.40
C LEU A 108 8.34 -9.81 1.00
N LYS A 109 9.44 -9.55 1.71
CA LYS A 109 10.21 -10.61 2.34
C LYS A 109 9.41 -11.21 3.48
N ARG A 110 9.47 -12.53 3.59
CA ARG A 110 8.87 -13.27 4.70
C ARG A 110 9.71 -14.50 5.08
N GLU A 111 9.54 -14.93 6.31
CA GLU A 111 10.09 -16.16 6.81
C GLU A 111 9.13 -17.31 6.54
N ALA A 112 9.53 -18.55 6.89
CA ALA A 112 8.70 -19.74 6.66
C ALA A 112 7.35 -19.61 7.27
N SER A 113 7.27 -18.92 8.42
CA SER A 113 5.98 -18.77 9.09
C SER A 113 4.94 -17.91 8.32
N LEU A 114 5.36 -17.16 7.32
CA LEU A 114 4.45 -16.26 6.60
C LEU A 114 3.79 -15.18 7.46
N ILE A 115 4.36 -14.87 8.61
CA ILE A 115 3.89 -13.79 9.47
C ILE A 115 4.73 -12.55 9.20
N ILE A 116 4.07 -11.43 8.99
CA ILE A 116 4.76 -10.14 8.82
C ILE A 116 4.33 -9.28 10.01
N ASN A 117 5.26 -8.80 10.83
CA ASN A 117 4.89 -7.98 11.98
C ASN A 117 5.77 -6.76 12.12
N LYS A 118 6.34 -6.30 11.03
CA LYS A 118 7.15 -5.10 11.05
C LYS A 118 6.40 -3.96 10.34
N ARG A 119 6.75 -2.71 10.64
CA ARG A 119 6.23 -1.63 9.84
C ARG A 119 7.11 -1.50 8.61
N MSE A 120 6.60 -1.82 7.42
CA MSE A 120 7.40 -1.68 6.20
C MSE A 120 7.64 -0.21 5.83
O MSE A 120 6.75 0.61 5.98
CB MSE A 120 6.70 -2.30 5.01
CG MSE A 120 6.85 -3.74 4.93
SE MSE A 120 5.27 -4.52 5.60
CE MSE A 120 4.36 -4.42 4.02
N GLU A 121 8.82 0.09 5.30
CA GLU A 121 9.04 1.37 4.63
C GLU A 121 8.04 1.49 3.47
N THR A 122 7.48 2.69 3.34
CA THR A 122 6.37 2.93 2.45
C THR A 122 6.83 2.75 1.02
N LEU A 123 5.97 2.04 0.28
CA LEU A 123 6.24 1.63 -1.06
C LEU A 123 5.28 2.31 -2.05
N TRP A 124 5.84 2.92 -3.10
CA TRP A 124 5.04 3.49 -4.20
C TRP A 124 5.37 2.84 -5.53
N TYR A 125 4.34 2.66 -6.36
CA TYR A 125 4.46 2.12 -7.71
C TYR A 125 4.38 3.26 -8.72
N GLY A 126 5.30 3.25 -9.67
CA GLY A 126 5.38 4.29 -10.69
C GLY A 126 4.85 3.70 -11.94
N GLU A 127 3.74 4.24 -12.44
CA GLU A 127 3.06 3.65 -13.60
C GLU A 127 3.92 3.74 -14.87
N VAL A 128 3.68 2.78 -15.77
CA VAL A 128 4.44 2.65 -17.02
C VAL A 128 4.08 3.78 -17.98
N ILE A 129 5.08 4.43 -18.57
CA ILE A 129 4.84 5.45 -19.59
C ILE A 129 5.65 5.15 -20.87
N ASN A 130 5.12 5.58 -22.01
CA ASN A 130 5.85 5.48 -23.27
C ASN A 130 6.61 6.75 -23.46
N VAL A 131 7.88 6.67 -23.80
CA VAL A 131 8.75 7.85 -23.91
C VAL A 131 9.36 7.87 -25.31
N ASN A 132 9.18 8.97 -26.01
CA ASN A 132 9.76 9.14 -27.34
C ASN A 132 10.68 10.34 -27.23
N PHE A 133 11.98 10.09 -27.34
CA PHE A 133 13.00 11.13 -27.19
C PHE A 133 13.81 11.20 -28.49
N ASP A 134 13.72 12.33 -29.20
CA ASP A 134 14.49 12.47 -30.44
C ASP A 134 15.76 13.30 -30.33
N GLY A 135 16.07 13.79 -29.14
CA GLY A 135 17.30 14.56 -28.92
C GLY A 135 17.31 16.01 -29.37
N THR A 136 16.24 16.48 -29.99
CA THR A 136 16.23 17.85 -30.49
C THR A 136 15.81 18.87 -29.44
N VAL A 137 15.11 18.43 -28.40
CA VAL A 137 14.68 19.33 -27.34
C VAL A 137 14.90 18.76 -25.95
N HIS A 138 15.03 19.67 -25.00
CA HIS A 138 14.99 19.30 -23.61
C HIS A 138 13.58 18.90 -23.34
N GLN A 139 13.48 17.79 -22.65
CA GLN A 139 12.23 17.08 -22.44
C GLN A 139 12.18 16.57 -20.99
N THR A 140 11.01 16.66 -20.36
CA THR A 140 10.78 16.11 -19.04
C THR A 140 9.57 15.16 -19.03
N GLU A 141 9.77 13.89 -18.67
CA GLU A 141 8.65 12.97 -18.52
C GLU A 141 8.17 12.98 -17.06
N THR A 142 6.94 12.56 -16.84
CA THR A 142 6.40 12.48 -15.49
C THR A 142 6.01 11.05 -15.08
N ILE A 143 6.55 10.59 -13.97
CA ILE A 143 6.11 9.32 -13.38
C ILE A 143 5.04 9.58 -12.32
N ASN A 144 3.92 8.88 -12.45
CA ASN A 144 2.84 8.96 -11.49
C ASN A 144 2.88 7.83 -10.44
N LEU A 145 2.91 8.21 -9.17
CA LEU A 145 3.13 7.26 -8.06
C LEU A 145 1.85 6.93 -7.33
N ILE A 146 1.69 5.64 -7.07
CA ILE A 146 0.54 5.08 -6.36
C ILE A 146 1.03 4.35 -5.12
N ARG A 147 0.44 4.67 -3.97
CA ARG A 147 0.89 4.09 -2.73
C ARG A 147 0.34 2.71 -2.59
N ASP A 148 1.23 1.77 -2.27
CA ASP A 148 0.87 0.35 -2.23
C ASP A 148 0.77 -0.22 -0.81
N THR A 149 1.47 0.40 0.13
CA THR A 149 1.46 -0.04 1.50
C THR A 149 0.40 0.75 2.28
N LYS A 150 -0.31 0.05 3.16
CA LYS A 150 -1.47 0.59 3.82
C LYS A 150 -1.35 0.41 5.35
N ILE A 151 -1.50 1.50 6.08
CA ILE A 151 -1.35 1.49 7.51
C ILE A 151 -2.76 1.57 8.08
N VAL A 152 -3.04 0.73 9.08
CA VAL A 152 -4.37 0.73 9.69
C VAL A 152 -4.22 0.70 11.21
N ARG A 153 -4.95 1.58 11.88
CA ARG A 153 -5.03 1.58 13.32
C ARG A 153 -6.40 1.07 13.71
N PHE A 154 -6.44 -0.08 14.38
CA PHE A 154 -7.70 -0.67 14.80
C PHE A 154 -7.93 -0.48 16.30
N GLY A 155 -9.16 -0.06 16.63
CA GLY A 155 -9.66 -0.04 17.99
C GLY A 155 -10.88 -0.94 18.10
N PHE A 156 -11.04 -1.58 19.25
CA PHE A 156 -12.17 -2.45 19.44
C PHE A 156 -12.79 -2.09 20.77
N GLN A 157 -14.06 -1.69 20.76
CA GLN A 157 -14.81 -1.35 21.98
C GLN A 157 -16.22 -1.92 22.00
N SER A 158 -16.71 -2.02 23.20
CA SER A 158 -18.10 -2.35 23.44
C SER A 158 -18.99 -1.23 22.87
N TYR A 159 -19.99 -1.63 22.10
CA TYR A 159 -20.94 -0.69 21.55
C TYR A 159 -21.76 -0.01 22.63
N THR A 160 -22.25 -0.77 23.61
CA THR A 160 -23.03 -0.16 24.69
C THR A 160 -22.15 0.21 25.89
N GLY A 161 -20.89 -0.18 25.89
CA GLY A 161 -20.02 0.05 27.05
C GLY A 161 -20.49 -0.72 28.28
N SER A 162 -21.26 -1.80 28.07
CA SER A 162 -21.83 -2.56 29.18
C SER A 162 -20.89 -3.69 29.57
N TRP A 163 -19.76 -3.74 28.88
CA TRP A 163 -18.73 -4.69 29.14
C TRP A 163 -17.46 -4.06 28.59
N THR A 164 -16.32 -4.38 29.18
CA THR A 164 -15.06 -3.83 28.71
C THR A 164 -14.40 -4.86 27.86
N LEU A 165 -14.24 -4.52 26.59
CA LEU A 165 -13.39 -5.28 25.71
C LEU A 165 -11.96 -4.96 26.15
N ASP A 166 -11.20 -5.98 26.54
CA ASP A 166 -9.78 -5.82 26.80
C ASP A 166 -8.93 -6.34 25.65
N MSE A 167 -8.22 -5.41 25.00
CA MSE A 167 -7.43 -5.67 23.79
C MSE A 167 -6.18 -6.56 23.95
O MSE A 167 -5.69 -7.08 22.98
CB MSE A 167 -7.07 -4.35 23.06
CG MSE A 167 -8.26 -3.71 22.38
SE MSE A 167 -7.80 -2.18 21.29
CE MSE A 167 -6.42 -3.06 20.12
N ASN A 168 -5.69 -6.79 25.14
CA ASN A 168 -4.59 -7.77 25.19
C ASN A 168 -5.04 -9.23 25.31
N ASP A 169 -6.35 -9.48 25.35
CA ASP A 169 -6.81 -10.90 25.37
C ASP A 169 -6.65 -11.62 24.01
N TYR A 170 -6.43 -10.86 22.92
CA TYR A 170 -6.51 -11.41 21.56
C TYR A 170 -5.27 -11.20 20.71
N ASP A 171 -5.09 -12.06 19.72
CA ASP A 171 -4.22 -11.80 18.59
C ASP A 171 -5.00 -11.24 17.38
N TYR A 172 -4.26 -10.51 16.54
CA TYR A 172 -4.81 -9.72 15.44
C TYR A 172 -4.06 -10.01 14.19
N GLU A 173 -4.81 -10.30 13.13
CA GLU A 173 -4.26 -10.55 11.83
C GLU A 173 -5.05 -9.90 10.70
N ILE A 174 -4.31 -9.43 9.69
CA ILE A 174 -4.84 -9.11 8.39
C ILE A 174 -4.26 -10.22 7.50
N ILE A 175 -5.11 -10.92 6.76
CA ILE A 175 -4.73 -12.12 6.00
C ILE A 175 -4.96 -11.88 4.51
N GLU A 176 -3.91 -11.94 3.73
CA GLU A 176 -4.02 -11.74 2.29
C GLU A 176 -2.74 -12.23 1.63
N SER A 177 -2.85 -12.60 0.36
CA SER A 177 -1.71 -13.02 -0.44
C SER A 177 -1.37 -11.89 -1.43
N ASN A 178 -1.19 -10.71 -0.87
CA ASN A 178 -0.92 -9.49 -1.61
C ASN A 178 0.54 -9.08 -1.56
N GLY A 179 1.44 -10.02 -1.30
CA GLY A 179 2.85 -9.70 -1.11
C GLY A 179 3.73 -9.83 -2.35
N HIS A 180 3.14 -10.02 -3.53
CA HIS A 180 3.95 -10.22 -4.76
C HIS A 180 3.38 -9.38 -5.91
N LEU A 181 4.08 -8.30 -6.25
CA LEU A 181 3.55 -7.34 -7.22
C LEU A 181 4.30 -7.43 -8.56
N GLY A 182 3.53 -7.48 -9.64
CA GLY A 182 4.09 -7.45 -10.98
C GLY A 182 4.45 -6.06 -11.43
N HIS A 183 5.07 -5.98 -12.60
CA HIS A 183 5.51 -4.70 -13.19
C HIS A 183 4.35 -3.73 -13.48
N ASP A 184 3.14 -4.28 -13.56
CA ASP A 184 1.91 -3.50 -13.72
C ASP A 184 1.18 -3.20 -12.39
N ASN A 185 1.82 -3.51 -11.27
CA ASN A 185 1.28 -3.32 -9.91
C ASN A 185 0.20 -4.36 -9.54
N SER A 186 0.02 -5.40 -10.33
CA SER A 186 -0.99 -6.39 -10.02
C SER A 186 -0.45 -7.44 -9.06
N LEU A 187 -1.37 -8.03 -8.31
CA LEU A 187 -1.00 -9.07 -7.37
C LEU A 187 -0.72 -10.38 -8.11
N LEU A 188 0.53 -10.81 -8.03
CA LEU A 188 0.94 -12.12 -8.54
C LEU A 188 0.54 -13.21 -7.55
N ASP A 189 0.58 -14.45 -8.01
CA ASP A 189 0.30 -15.57 -7.14
C ASP A 189 1.39 -15.60 -6.07
N ASP A 190 0.99 -15.93 -4.86
CA ASP A 190 1.91 -15.89 -3.71
C ASP A 190 1.25 -16.65 -2.59
N ASP A 191 2.02 -16.97 -1.55
CA ASP A 191 1.42 -17.49 -0.32
C ASP A 191 0.56 -16.45 0.32
N VAL A 192 -0.40 -16.92 1.12
CA VAL A 192 -1.16 -16.06 2.02
C VAL A 192 -0.33 -15.69 3.26
N LEU A 193 -0.26 -14.39 3.52
CA LEU A 193 0.49 -13.86 4.62
C LEU A 193 -0.48 -13.41 5.75
N SER A 194 0.01 -13.51 6.99
CA SER A 194 -0.63 -13.02 8.21
C SER A 194 0.09 -11.76 8.69
N PHE A 195 -0.51 -10.60 8.44
CA PHE A 195 0.05 -9.34 8.90
C PHE A 195 -0.44 -9.13 10.30
N ARG A 196 0.48 -8.85 11.21
CA ARG A 196 0.14 -8.72 12.62
C ARG A 196 0.67 -7.43 13.19
N PRO A 197 0.18 -7.00 14.35
CA PRO A 197 0.57 -5.68 14.83
C PRO A 197 2.06 -5.46 14.96
N TYR A 198 2.51 -4.28 14.55
CA TYR A 198 3.86 -3.86 14.86
C TYR A 198 3.87 -2.98 16.11
N TYR A 199 2.71 -2.51 16.55
CA TYR A 199 2.63 -1.71 17.79
C TYR A 199 1.27 -1.86 18.39
N MSE A 200 1.22 -1.87 19.71
CA MSE A 200 -0.01 -2.09 20.44
CA MSE A 200 -0.03 -2.07 20.44
C MSE A 200 0.04 -1.14 21.62
O MSE A 200 1.13 -0.89 22.15
CB MSE A 200 -0.10 -3.56 20.92
CB MSE A 200 -0.22 -3.52 20.94
CG MSE A 200 -0.23 -4.59 19.77
CG MSE A 200 -1.72 -3.94 21.16
SE MSE A 200 0.19 -6.42 20.28
SE MSE A 200 -2.57 -3.78 22.94
CE MSE A 200 1.93 -5.98 21.10
CE MSE A 200 -4.02 -4.95 22.68
N GLU A 201 -1.10 -0.64 22.00
CA GLU A 201 -1.16 0.28 23.10
C GLU A 201 -2.48 0.10 23.81
N GLN A 202 -2.49 -0.20 25.10
CA GLN A 202 -3.74 -0.17 25.89
C GLN A 202 -3.69 0.77 27.13
N LYS A 203 -2.93 1.88 27.06
CA LYS A 203 -2.86 2.86 28.17
C LYS A 203 -4.27 3.12 28.79
N ASP A 204 -5.12 3.84 28.05
CA ASP A 204 -6.55 3.92 28.41
C ASP A 204 -7.25 2.85 27.56
N PRO A 205 -7.95 1.88 28.20
CA PRO A 205 -8.83 0.97 27.45
C PRO A 205 -9.75 1.64 26.41
N ALA A 206 -10.03 2.93 26.61
CA ALA A 206 -10.69 3.78 25.59
C ALA A 206 -9.68 4.30 24.56
N THR A 207 -8.50 4.71 25.00
CA THR A 207 -7.35 5.00 24.09
C THR A 207 -6.89 3.77 23.22
N ALA A 208 -6.92 2.56 23.81
CA ALA A 208 -6.30 1.33 23.27
C ALA A 208 -6.44 1.08 21.75
N TYR A 209 -5.37 0.63 21.12
CA TYR A 209 -5.39 0.29 19.71
C TYR A 209 -4.21 -0.62 19.30
N VAL A 210 -4.28 -1.24 18.12
CA VAL A 210 -3.12 -1.91 17.50
C VAL A 210 -2.83 -1.24 16.18
N ASP A 211 -1.55 -1.06 15.86
CA ASP A 211 -1.18 -0.56 14.55
C ASP A 211 -0.62 -1.68 13.75
N MSE A 212 -1.15 -1.81 12.54
CA MSE A 212 -0.79 -2.85 11.58
C MSE A 212 -0.50 -2.22 10.23
O MSE A 212 -0.94 -1.10 9.97
CB MSE A 212 -1.97 -3.77 11.40
CG MSE A 212 -2.52 -4.25 12.76
SE MSE A 212 -3.92 -5.58 12.65
CE MSE A 212 -2.95 -7.01 12.05
N ASN A 213 0.16 -2.96 9.35
CA ASN A 213 0.19 -2.57 7.94
C ASN A 213 0.10 -3.74 6.95
N THR A 214 -0.33 -3.47 5.74
CA THR A 214 -0.36 -4.53 4.75
C THR A 214 0.03 -3.96 3.40
N MSE A 215 0.06 -4.84 2.40
CA MSE A 215 0.34 -4.42 1.03
C MSE A 215 -1.03 -3.97 0.44
O MSE A 215 -1.89 -3.57 1.20
CB MSE A 215 1.03 -5.58 0.31
CG MSE A 215 2.42 -5.87 0.94
SE MSE A 215 3.75 -4.70 0.22
CE MSE A 215 3.81 -5.58 -1.52
N ARG A 216 -1.23 -4.05 -0.88
CA ARG A 216 -2.33 -3.38 -1.54
C ARG A 216 -3.66 -3.88 -1.09
N LEU A 217 -4.58 -2.94 -0.84
CA LEU A 217 -6.00 -3.29 -0.64
C LEU A 217 -6.72 -3.23 -1.98
N MSE A 218 -7.24 -4.38 -2.42
CA MSE A 218 -7.87 -4.55 -3.74
C MSE A 218 -9.38 -4.76 -3.64
O MSE A 218 -9.89 -5.57 -2.84
CB MSE A 218 -7.25 -5.77 -4.45
CG MSE A 218 -5.71 -5.66 -4.66
SE MSE A 218 -5.11 -4.03 -5.51
CE MSE A 218 -5.93 -4.40 -7.29
N GLU A 219 -10.11 -4.06 -4.50
CA GLU A 219 -11.56 -4.15 -4.45
C GLU A 219 -12.06 -5.53 -4.79
N ASP A 220 -11.31 -6.28 -5.57
CA ASP A 220 -11.72 -7.61 -5.93
C ASP A 220 -11.13 -8.68 -5.00
N ARG A 221 -10.56 -8.28 -3.85
CA ARG A 221 -10.10 -9.26 -2.85
C ARG A 221 -11.00 -9.31 -1.63
N LYS A 222 -10.81 -10.34 -0.79
CA LYS A 222 -11.62 -10.50 0.41
C LYS A 222 -10.75 -10.50 1.66
N THR A 223 -9.79 -9.59 1.67
CA THR A 223 -8.81 -9.43 2.75
C THR A 223 -9.49 -9.44 4.10
N ARG A 224 -9.00 -10.30 4.97
CA ARG A 224 -9.66 -10.56 6.23
C ARG A 224 -9.02 -9.88 7.41
N LEU A 225 -9.84 -9.40 8.36
CA LEU A 225 -9.35 -9.04 9.69
C LEU A 225 -9.86 -10.13 10.62
N VAL A 226 -8.94 -10.80 11.31
CA VAL A 226 -9.25 -11.94 12.17
C VAL A 226 -8.63 -11.72 13.56
N LEU A 227 -9.48 -11.82 14.57
CA LEU A 227 -9.10 -11.79 15.95
C LEU A 227 -9.24 -13.19 16.56
N THR A 228 -8.24 -13.59 17.34
CA THR A 228 -8.20 -14.91 17.94
C THR A 228 -7.93 -14.78 19.42
N GLU A 229 -8.72 -15.48 20.22
CA GLU A 229 -8.58 -15.37 21.65
C GLU A 229 -7.32 -16.08 22.11
N LYS A 230 -6.47 -15.38 22.84
CA LYS A 230 -5.22 -15.97 23.29
C LYS A 230 -5.56 -17.23 24.13
N ALA A 231 -6.43 -17.06 25.13
CA ALA A 231 -6.79 -18.16 26.03
C ALA A 231 -7.21 -19.44 25.26
N SER A 232 -8.32 -19.38 24.53
CA SER A 232 -8.86 -20.58 23.90
C SER A 232 -8.18 -20.90 22.60
N GLY A 233 -7.62 -19.89 21.95
CA GLY A 233 -7.23 -20.04 20.55
C GLY A 233 -8.43 -20.05 19.60
N LYS A 234 -9.62 -19.68 20.09
CA LYS A 234 -10.81 -19.60 19.23
C LYS A 234 -10.82 -18.26 18.50
N ARG A 235 -11.19 -18.28 17.22
CA ARG A 235 -11.41 -17.08 16.43
C ARG A 235 -12.71 -16.43 16.83
N VAL A 236 -12.67 -15.17 17.25
CA VAL A 236 -13.87 -14.48 17.75
C VAL A 236 -14.41 -13.43 16.80
N PHE A 237 -13.64 -13.10 15.76
CA PHE A 237 -13.99 -12.04 14.82
C PHE A 237 -13.27 -12.30 13.51
N ASP A 238 -14.01 -12.29 12.41
CA ASP A 238 -13.48 -12.67 11.14
C ASP A 238 -14.28 -11.99 10.06
N ILE A 239 -13.81 -10.82 9.61
CA ILE A 239 -14.56 -10.00 8.67
C ILE A 239 -13.79 -9.72 7.41
N ASN A 240 -14.52 -9.28 6.40
CA ASN A 240 -13.95 -8.97 5.11
C ASN A 240 -13.74 -7.48 5.13
N LEU A 241 -12.48 -7.12 5.37
CA LEU A 241 -12.10 -5.75 5.51
C LEU A 241 -12.38 -4.98 4.23
N ILE A 242 -12.12 -5.61 3.08
CA ILE A 242 -12.37 -4.90 1.83
C ILE A 242 -13.84 -4.53 1.74
N ASP A 243 -14.69 -5.49 2.12
CA ASP A 243 -16.12 -5.27 2.08
C ASP A 243 -16.61 -4.21 3.07
N TYR A 244 -16.04 -4.20 4.25
CA TYR A 244 -16.35 -3.15 5.22
C TYR A 244 -15.92 -1.78 4.70
N LEU A 245 -14.78 -1.72 4.01
CA LEU A 245 -14.35 -0.44 3.45
C LEU A 245 -15.21 -0.07 2.22
N ALA A 246 -15.60 -1.07 1.42
CA ALA A 246 -16.44 -0.81 0.24
C ALA A 246 -17.81 -0.25 0.65
N MSE A 247 -18.39 -0.75 1.74
CA MSE A 247 -19.68 -0.28 2.28
CA MSE A 247 -19.70 -0.22 2.12
C MSE A 247 -19.59 1.21 2.65
O MSE A 247 -20.59 1.87 2.85
CB MSE A 247 -20.11 -1.10 3.56
CB MSE A 247 -20.48 -1.14 3.08
CG MSE A 247 -20.48 -2.67 3.42
CG MSE A 247 -19.84 -1.36 4.45
SE MSE A 247 -20.65 -3.73 5.19
SE MSE A 247 -20.06 0.09 5.72
CE MSE A 247 -19.79 -5.42 4.72
CE MSE A 247 -21.96 0.05 6.04
N THR A 248 -18.38 1.75 2.81
CA THR A 248 -18.31 3.11 3.33
C THR A 248 -18.49 4.06 2.17
N ASN A 249 -18.38 5.34 2.46
CA ASN A 249 -18.59 6.38 1.43
C ASN A 249 -17.31 6.99 0.85
N ALA A 250 -16.18 6.27 0.95
CA ALA A 250 -14.87 6.84 0.55
C ALA A 250 -14.68 8.22 1.23
N GLU A 251 -15.03 8.27 2.49
CA GLU A 251 -14.84 9.46 3.31
C GLU A 251 -15.54 10.68 2.72
N GLY A 252 -16.70 10.44 2.13
CA GLY A 252 -17.53 11.52 1.63
C GLY A 252 -17.19 11.89 0.21
N LYS A 253 -16.26 11.17 -0.42
CA LYS A 253 -15.89 11.51 -1.78
C LYS A 253 -16.60 10.63 -2.78
N ASN A 254 -16.49 11.04 -4.04
CA ASN A 254 -17.07 10.34 -5.19
C ASN A 254 -15.99 9.42 -5.77
N LEU A 255 -15.77 8.30 -5.09
CA LEU A 255 -14.73 7.40 -5.50
C LEU A 255 -15.28 5.99 -5.63
N SER A 256 -14.84 5.32 -6.67
CA SER A 256 -14.93 3.87 -6.74
C SER A 256 -14.11 3.26 -5.61
N THR A 257 -14.48 2.03 -5.23
CA THR A 257 -13.78 1.31 -4.20
C THR A 257 -12.27 1.29 -4.44
N GLN A 258 -11.82 0.94 -5.64
CA GLN A 258 -10.37 0.80 -5.87
C GLN A 258 -9.65 2.13 -5.77
N GLU A 259 -10.32 3.18 -6.21
CA GLU A 259 -9.74 4.49 -6.16
C GLU A 259 -9.59 4.97 -4.74
N TYR A 260 -10.60 4.70 -3.90
CA TYR A 260 -10.49 5.01 -2.48
C TYR A 260 -9.37 4.19 -1.83
N LEU A 261 -9.36 2.91 -2.10
CA LEU A 261 -8.32 2.03 -1.55
C LEU A 261 -6.89 2.46 -1.95
N ASP A 262 -6.73 2.97 -3.16
CA ASP A 262 -5.40 3.40 -3.63
C ASP A 262 -5.06 4.74 -3.05
N ARG A 263 -6.03 5.65 -3.05
CA ARG A 263 -5.76 7.02 -2.63
C ARG A 263 -5.55 7.16 -1.13
N GLN A 264 -6.30 6.40 -0.34
CA GLN A 264 -6.20 6.44 1.11
C GLN A 264 -5.23 5.39 1.58
N SER A 265 -4.25 5.79 2.39
CA SER A 265 -3.35 4.78 2.93
C SER A 265 -3.24 4.76 4.45
N ASN A 266 -3.99 5.63 5.13
CA ASN A 266 -4.12 5.55 6.56
C ASN A 266 -5.56 5.39 6.95
N TYR A 267 -5.85 4.31 7.65
CA TYR A 267 -7.20 3.97 8.03
C TYR A 267 -7.26 3.79 9.52
N HIS A 268 -7.96 4.66 10.20
CA HIS A 268 -8.18 4.49 11.61
C HIS A 268 -9.61 4.07 11.79
N ILE A 269 -9.79 2.81 12.16
CA ILE A 269 -11.07 2.17 12.28
C ILE A 269 -11.31 1.75 13.71
N ILE A 270 -12.36 2.29 14.32
CA ILE A 270 -12.92 1.74 15.55
C ILE A 270 -14.08 0.79 15.23
N PHE A 271 -14.02 -0.44 15.74
CA PHE A 271 -15.17 -1.32 15.83
C PHE A 271 -15.88 -1.21 17.18
N PHE A 272 -17.19 -1.00 17.09
CA PHE A 272 -18.08 -0.99 18.23
C PHE A 272 -18.85 -2.30 18.20
N LEU A 273 -18.55 -3.17 19.15
CA LEU A 273 -19.02 -4.55 19.09
C LEU A 273 -20.08 -4.86 20.13
N SER A 274 -20.91 -5.83 19.77
CA SER A 274 -21.84 -6.41 20.70
C SER A 274 -21.04 -7.34 21.62
N GLU A 275 -21.70 -7.76 22.69
CA GLU A 275 -21.22 -8.87 23.52
C GLU A 275 -20.93 -10.14 22.77
N SER A 276 -21.54 -10.33 21.62
CA SER A 276 -21.35 -11.55 20.88
C SER A 276 -20.44 -11.32 19.68
N TRP A 277 -19.53 -10.34 19.77
CA TRP A 277 -18.55 -10.06 18.71
C TRP A 277 -19.13 -9.74 17.34
N LEU A 278 -20.28 -9.11 17.31
CA LEU A 278 -20.88 -8.59 16.08
CA LEU A 278 -20.84 -8.58 16.06
C LEU A 278 -20.58 -7.10 16.04
N ALA A 279 -20.05 -6.61 14.92
CA ALA A 279 -19.86 -5.16 14.72
C ALA A 279 -21.21 -4.45 14.52
N VAL A 280 -21.53 -3.56 15.46
CA VAL A 280 -22.76 -2.80 15.36
C VAL A 280 -22.52 -1.62 14.44
N GLN A 281 -21.40 -0.95 14.64
CA GLN A 281 -21.00 0.13 13.78
C GLN A 281 -19.50 0.26 13.81
N ILE A 282 -18.97 0.85 12.74
CA ILE A 282 -17.57 1.22 12.67
C ILE A 282 -17.40 2.73 12.45
N VAL A 283 -16.24 3.22 12.80
CA VAL A 283 -15.91 4.58 12.49
C VAL A 283 -14.61 4.47 11.73
N VAL A 284 -14.64 4.94 10.48
CA VAL A 284 -13.45 4.95 9.63
C VAL A 284 -13.05 6.39 9.42
N ASN A 285 -11.88 6.75 9.93
CA ASN A 285 -11.39 8.13 9.85
C ASN A 285 -12.51 9.16 10.14
N GLY A 286 -13.22 8.96 11.25
CA GLY A 286 -14.21 9.93 11.67
C GLY A 286 -15.61 9.67 11.15
N TRP A 287 -15.76 8.86 10.10
CA TRP A 287 -17.07 8.58 9.52
C TRP A 287 -17.71 7.38 10.15
N VAL A 288 -18.91 7.59 10.73
CA VAL A 288 -19.67 6.56 11.36
C VAL A 288 -20.48 5.79 10.33
N HIS A 289 -20.44 4.44 10.35
CA HIS A 289 -21.23 3.53 9.51
C HIS A 289 -21.84 2.36 10.30
N ARG A 290 -23.18 2.27 10.28
CA ARG A 290 -23.92 1.12 10.81
C ARG A 290 -23.59 -0.12 9.97
N ILE A 291 -23.38 -1.26 10.62
CA ILE A 291 -23.14 -2.48 9.85
C ILE A 291 -24.45 -3.21 9.86
N GLN A 292 -24.94 -3.53 8.67
CA GLN A 292 -26.18 -4.31 8.58
C GLN A 292 -25.87 -5.75 8.90
N GLU A 293 -26.57 -6.30 9.88
CA GLU A 293 -26.31 -7.66 10.38
C GLU A 293 -26.11 -8.71 9.27
N GLU A 294 -26.94 -8.62 8.24
CA GLU A 294 -26.85 -9.56 7.09
C GLU A 294 -25.51 -9.41 6.34
N ASN A 295 -24.87 -8.25 6.48
CA ASN A 295 -23.58 -7.97 5.80
C ASN A 295 -22.40 -7.98 6.77
N GLN A 296 -22.65 -8.43 8.01
CA GLN A 296 -21.61 -8.43 9.04
C GLN A 296 -20.45 -9.34 8.54
C1 EDO B . -3.45 5.48 10.76
O1 EDO B . -2.26 5.70 9.98
C2 EDO B . -3.31 6.21 12.09
O2 EDO B . -4.44 7.05 12.39
#